data_1GAN
#
_entry.id   1GAN
#
_cell.length_a   54.330
_cell.length_b   54.330
_cell.length_c   186.570
_cell.angle_alpha   90.00
_cell.angle_beta   90.00
_cell.angle_gamma   90.00
#
_symmetry.space_group_name_H-M   'P 41 21 2'
#
loop_
_entity.id
_entity.type
_entity.pdbx_description
1 polymer GALECTIN-1
2 branched beta-D-galactopyranose-(1-4)-2-acetamido-2-deoxy-alpha-D-glucopyranose
3 water water
#
_entity_poly.entity_id   1
_entity_poly.type   'polypeptide(L)'
_entity_poly.pdbx_seq_one_letter_code
;ASAGVAVTNLNLKPGHCVEIKGSIPPDCKGFAVNLGEDASNFLLHFNARFDLHGDVNKIVCNSKEADAWGSEQREGVFPF
QQGAEVMVCFEYQTDKIIIKFSSGDQFSFPVRKVLPSIPFLSLEGLQFKSITTE
;
_entity_poly.pdbx_strand_id   A,B
#
# COMPACT_ATOMS: atom_id res chain seq x y z
N ALA A 1 -5.04 -11.89 2.52
CA ALA A 1 -5.59 -11.98 3.91
C ALA A 1 -4.43 -12.36 4.82
N SER A 2 -4.08 -13.65 4.82
CA SER A 2 -2.96 -14.15 5.61
C SER A 2 -1.80 -13.31 5.10
N ALA A 3 -1.61 -13.38 3.79
CA ALA A 3 -0.59 -12.62 3.08
C ALA A 3 -1.38 -12.14 1.84
N GLY A 4 -2.02 -10.97 1.96
CA GLY A 4 -2.81 -10.45 0.85
C GLY A 4 -3.28 -9.01 0.91
N VAL A 5 -2.33 -8.08 0.93
CA VAL A 5 -2.59 -6.65 0.94
C VAL A 5 -3.33 -6.27 -0.35
N ALA A 6 -4.17 -5.25 -0.27
CA ALA A 6 -4.87 -4.76 -1.45
C ALA A 6 -4.76 -3.24 -1.41
N VAL A 7 -4.36 -2.67 -2.54
CA VAL A 7 -4.20 -1.24 -2.66
C VAL A 7 -5.22 -0.75 -3.65
N THR A 8 -5.95 0.27 -3.26
CA THR A 8 -6.96 0.87 -4.10
C THR A 8 -6.58 2.33 -4.25
N ASN A 9 -6.90 2.89 -5.42
CA ASN A 9 -6.57 4.25 -5.76
C ASN A 9 -5.07 4.34 -5.98
N LEU A 10 -4.51 3.27 -6.54
CA LEU A 10 -3.09 3.17 -6.85
C LEU A 10 -2.73 4.30 -7.81
N ASN A 11 -3.58 4.51 -8.81
CA ASN A 11 -3.41 5.58 -9.78
C ASN A 11 -2.09 5.47 -10.54
N LEU A 12 -1.78 4.27 -11.03
CA LEU A 12 -0.56 4.02 -11.79
C LEU A 12 -0.87 4.34 -13.26
N LYS A 13 -0.20 5.34 -13.79
CA LYS A 13 -0.42 5.78 -15.16
C LYS A 13 0.71 5.33 -16.10
N PRO A 14 0.47 5.31 -17.42
CA PRO A 14 1.52 4.88 -18.35
C PRO A 14 2.83 5.62 -18.19
N GLY A 15 3.91 4.86 -18.27
CA GLY A 15 5.21 5.44 -18.13
C GLY A 15 5.67 5.45 -16.70
N HIS A 16 4.91 4.83 -15.81
CA HIS A 16 5.32 4.80 -14.42
C HIS A 16 5.45 3.36 -13.97
N CYS A 17 5.96 3.15 -12.77
CA CYS A 17 6.09 1.79 -12.30
C CYS A 17 5.92 1.71 -10.81
N VAL A 18 5.69 0.49 -10.34
CA VAL A 18 5.48 0.21 -8.95
C VAL A 18 6.38 -0.98 -8.61
N GLU A 19 7.13 -0.85 -7.52
CA GLU A 19 8.00 -1.92 -7.08
C GLU A 19 7.45 -2.51 -5.81
N ILE A 20 7.41 -3.84 -5.74
CA ILE A 20 6.91 -4.56 -4.57
C ILE A 20 8.04 -5.34 -3.90
N LYS A 21 8.11 -5.25 -2.57
CA LYS A 21 9.09 -5.99 -1.77
C LYS A 21 8.27 -6.84 -0.83
N GLY A 22 8.56 -8.13 -0.83
CA GLY A 22 7.84 -9.03 0.04
C GLY A 22 8.74 -10.15 0.45
N SER A 23 8.18 -11.09 1.20
CA SER A 23 8.89 -12.26 1.66
C SER A 23 7.95 -13.43 1.41
N ILE A 24 8.51 -14.56 1.01
CA ILE A 24 7.71 -15.73 0.69
C ILE A 24 7.58 -16.74 1.82
N PRO A 25 6.35 -16.94 2.34
CA PRO A 25 6.06 -17.89 3.42
C PRO A 25 6.63 -19.27 3.05
N PRO A 26 7.16 -20.02 4.04
CA PRO A 26 7.72 -21.34 3.74
C PRO A 26 6.65 -22.33 3.29
N ASP A 27 5.42 -22.14 3.75
CA ASP A 27 4.30 -23.02 3.40
C ASP A 27 3.57 -22.56 2.14
N CYS A 28 4.22 -21.74 1.32
CA CYS A 28 3.62 -21.19 0.10
C CYS A 28 3.92 -21.95 -1.21
N LYS A 29 2.83 -22.37 -1.87
CA LYS A 29 2.86 -23.10 -3.14
C LYS A 29 3.01 -22.13 -4.32
N GLY A 30 2.89 -20.84 -4.03
CA GLY A 30 3.00 -19.83 -5.07
C GLY A 30 2.50 -18.51 -4.53
N PHE A 31 2.80 -17.43 -5.23
CA PHE A 31 2.36 -16.12 -4.86
C PHE A 31 1.95 -15.37 -6.11
N ALA A 32 1.08 -14.39 -5.98
CA ALA A 32 0.62 -13.61 -7.13
C ALA A 32 0.58 -12.14 -6.82
N VAL A 33 0.81 -11.33 -7.86
CA VAL A 33 0.71 -9.87 -7.79
C VAL A 33 -0.32 -9.61 -8.87
N ASN A 34 -1.37 -8.86 -8.55
CA ASN A 34 -2.42 -8.52 -9.51
C ASN A 34 -2.51 -7.01 -9.73
N LEU A 35 -2.62 -6.60 -10.98
CA LEU A 35 -2.72 -5.18 -11.32
C LEU A 35 -3.98 -5.05 -12.16
N GLY A 36 -4.89 -4.15 -11.81
CA GLY A 36 -6.12 -4.01 -12.58
C GLY A 36 -7.09 -2.91 -12.15
N GLU A 37 -8.34 -3.08 -12.51
CA GLU A 37 -9.39 -2.12 -12.17
C GLU A 37 -10.08 -2.43 -10.86
N ASP A 38 -10.26 -3.72 -10.59
CA ASP A 38 -10.96 -4.19 -9.39
C ASP A 38 -10.70 -5.67 -9.27
N ALA A 39 -11.28 -6.31 -8.26
CA ALA A 39 -11.07 -7.73 -8.04
C ALA A 39 -11.56 -8.70 -9.14
N SER A 40 -12.23 -8.20 -10.17
CA SER A 40 -12.70 -9.08 -11.26
C SER A 40 -12.07 -8.74 -12.59
N ASN A 41 -11.26 -7.70 -12.62
CA ASN A 41 -10.67 -7.30 -13.87
C ASN A 41 -9.20 -7.00 -13.65
N PHE A 42 -8.33 -7.89 -14.12
CA PHE A 42 -6.87 -7.73 -13.96
C PHE A 42 -6.22 -7.52 -15.32
N LEU A 43 -5.39 -6.51 -15.43
CA LEU A 43 -4.65 -6.23 -16.66
C LEU A 43 -3.51 -7.26 -16.63
N LEU A 44 -2.98 -7.47 -15.43
CA LEU A 44 -1.91 -8.43 -15.24
C LEU A 44 -2.04 -9.18 -13.94
N HIS A 45 -1.96 -10.50 -14.03
CA HIS A 45 -1.96 -11.39 -12.88
C HIS A 45 -0.63 -12.12 -13.06
N PHE A 46 0.34 -11.81 -12.19
CA PHE A 46 1.66 -12.41 -12.18
C PHE A 46 1.69 -13.49 -11.09
N ASN A 47 1.75 -14.75 -11.51
CA ASN A 47 1.69 -15.87 -10.58
C ASN A 47 2.95 -16.76 -10.58
N ALA A 48 3.77 -16.66 -9.54
CA ALA A 48 4.97 -17.48 -9.45
C ALA A 48 4.56 -18.77 -8.77
N ARG A 49 4.62 -19.89 -9.49
CA ARG A 49 4.21 -21.17 -8.93
C ARG A 49 5.38 -22.08 -8.58
N PHE A 50 5.46 -22.48 -7.31
CA PHE A 50 6.52 -23.39 -6.88
C PHE A 50 6.07 -24.84 -7.18
N ASP A 51 4.80 -25.11 -6.86
CA ASP A 51 4.17 -26.41 -7.05
C ASP A 51 2.68 -26.10 -6.94
N LEU A 52 2.08 -25.72 -8.06
CA LEU A 52 0.68 -25.31 -8.12
C LEU A 52 0.03 -25.64 -9.44
N HIS A 53 -1.15 -26.24 -9.39
CA HIS A 53 -1.91 -26.59 -10.60
C HIS A 53 -1.06 -27.35 -11.61
N GLY A 54 -0.06 -28.07 -11.13
CA GLY A 54 0.76 -28.82 -12.07
C GLY A 54 2.04 -28.10 -12.46
N ASP A 55 2.09 -26.80 -12.26
CA ASP A 55 3.29 -26.06 -12.58
C ASP A 55 4.27 -26.14 -11.42
N VAL A 56 5.53 -26.44 -11.73
CA VAL A 56 6.53 -26.50 -10.71
C VAL A 56 7.61 -25.52 -11.16
N ASN A 57 7.85 -24.53 -10.31
CA ASN A 57 8.83 -23.47 -10.57
C ASN A 57 8.60 -22.75 -11.88
N LYS A 58 7.34 -22.39 -12.13
CA LYS A 58 6.97 -21.68 -13.35
C LYS A 58 6.17 -20.43 -13.08
N ILE A 59 6.42 -19.41 -13.89
CA ILE A 59 5.71 -18.16 -13.79
C ILE A 59 4.62 -18.17 -14.84
N VAL A 60 3.40 -18.01 -14.37
CA VAL A 60 2.24 -17.94 -15.22
C VAL A 60 1.70 -16.50 -15.10
N CYS A 61 1.50 -15.88 -16.25
CA CYS A 61 1.00 -14.53 -16.37
C CYS A 61 -0.31 -14.62 -17.17
N ASN A 62 -1.29 -13.83 -16.77
CA ASN A 62 -2.57 -13.82 -17.47
C ASN A 62 -3.31 -12.53 -17.12
N SER A 63 -4.42 -12.30 -17.81
CA SER A 63 -5.23 -11.16 -17.54
C SER A 63 -6.56 -11.74 -17.12
N LYS A 64 -7.41 -10.93 -16.51
CA LYS A 64 -8.73 -11.39 -16.11
C LYS A 64 -9.76 -10.34 -16.47
N GLU A 65 -10.84 -10.75 -17.12
CA GLU A 65 -11.89 -9.84 -17.53
C GLU A 65 -13.22 -10.39 -17.07
N ALA A 66 -13.86 -9.68 -16.16
CA ALA A 66 -15.16 -10.14 -15.67
C ALA A 66 -15.06 -11.54 -15.06
N ASP A 67 -14.01 -11.76 -14.28
CA ASP A 67 -13.80 -13.05 -13.65
C ASP A 67 -13.52 -14.25 -14.55
N ALA A 68 -13.25 -13.97 -15.82
CA ALA A 68 -12.88 -15.02 -16.76
C ALA A 68 -11.42 -14.79 -17.13
N TRP A 69 -10.60 -15.78 -16.81
CA TRP A 69 -9.18 -15.75 -17.07
C TRP A 69 -8.89 -15.73 -18.57
N GLY A 70 -7.86 -15.00 -18.97
CA GLY A 70 -7.49 -14.89 -20.38
C GLY A 70 -6.54 -15.97 -20.84
N SER A 71 -5.77 -15.64 -21.88
CA SER A 71 -4.77 -16.54 -22.45
C SER A 71 -3.53 -16.50 -21.58
N GLU A 72 -3.16 -17.63 -20.99
CA GLU A 72 -2.00 -17.71 -20.15
C GLU A 72 -0.73 -17.55 -20.95
N GLN A 73 0.28 -16.97 -20.32
CA GLN A 73 1.60 -16.83 -20.93
C GLN A 73 2.52 -17.41 -19.85
N ARG A 74 3.42 -18.30 -20.23
CA ARG A 74 4.33 -18.88 -19.26
C ARG A 74 5.74 -18.45 -19.57
N GLU A 75 6.57 -18.33 -18.53
CA GLU A 75 7.96 -17.93 -18.64
C GLU A 75 8.90 -18.97 -18.02
N GLY A 76 10.08 -19.11 -18.62
CA GLY A 76 11.08 -20.06 -18.16
C GLY A 76 11.82 -19.67 -16.91
N VAL A 77 12.19 -18.39 -16.81
CA VAL A 77 12.91 -17.84 -15.66
C VAL A 77 12.12 -17.96 -14.36
N PHE A 78 12.81 -18.28 -13.28
CA PHE A 78 12.16 -18.38 -11.99
C PHE A 78 13.23 -18.11 -10.95
N PRO A 79 13.49 -16.83 -10.66
CA PRO A 79 14.51 -16.47 -9.68
C PRO A 79 13.99 -16.38 -8.24
N PHE A 80 13.18 -17.36 -7.83
CA PHE A 80 12.63 -17.30 -6.48
C PHE A 80 12.90 -18.56 -5.71
N GLN A 81 12.99 -18.42 -4.39
CA GLN A 81 13.20 -19.54 -3.50
C GLN A 81 12.34 -19.31 -2.28
N GLN A 82 11.59 -20.32 -1.87
CA GLN A 82 10.74 -20.19 -0.70
C GLN A 82 11.51 -19.68 0.51
N GLY A 83 10.81 -18.97 1.39
CA GLY A 83 11.46 -18.42 2.56
C GLY A 83 12.34 -17.24 2.21
N ALA A 84 12.65 -17.01 0.93
CA ALA A 84 13.48 -15.88 0.56
C ALA A 84 12.65 -14.59 0.41
N GLU A 85 13.35 -13.50 0.10
CA GLU A 85 12.71 -12.20 -0.08
C GLU A 85 12.41 -12.07 -1.57
N VAL A 86 11.67 -11.04 -1.96
CA VAL A 86 11.27 -10.86 -3.34
C VAL A 86 11.16 -9.38 -3.66
N MET A 87 11.74 -8.99 -4.80
CA MET A 87 11.66 -7.63 -5.26
C MET A 87 11.38 -7.64 -6.74
N VAL A 88 10.16 -7.26 -7.09
CA VAL A 88 9.68 -7.21 -8.47
C VAL A 88 9.22 -5.79 -8.82
N CYS A 89 9.48 -5.37 -10.05
CA CYS A 89 9.05 -4.08 -10.51
C CYS A 89 8.17 -4.31 -11.71
N PHE A 90 7.14 -3.50 -11.82
CA PHE A 90 6.22 -3.57 -12.93
C PHE A 90 6.25 -2.18 -13.53
N GLU A 91 6.57 -2.11 -14.81
CA GLU A 91 6.63 -0.84 -15.49
C GLU A 91 5.46 -0.85 -16.48
N TYR A 92 4.53 0.07 -16.29
CA TYR A 92 3.35 0.17 -17.13
C TYR A 92 3.53 1.05 -18.37
N GLN A 93 3.42 0.46 -19.55
CA GLN A 93 3.49 1.23 -20.79
C GLN A 93 2.22 0.92 -21.54
N THR A 94 1.81 1.81 -22.42
CA THR A 94 0.56 1.62 -23.13
C THR A 94 0.47 0.35 -23.95
N ASP A 95 1.61 -0.08 -24.49
CA ASP A 95 1.68 -1.26 -25.32
C ASP A 95 2.14 -2.53 -24.61
N LYS A 96 2.61 -2.42 -23.37
CA LYS A 96 3.09 -3.60 -22.63
C LYS A 96 3.46 -3.22 -21.21
N ILE A 97 3.61 -4.23 -20.37
CA ILE A 97 4.03 -4.04 -19.00
C ILE A 97 5.33 -4.82 -18.93
N ILE A 98 6.40 -4.20 -18.45
CA ILE A 98 7.62 -4.98 -18.35
C ILE A 98 7.88 -5.35 -16.90
N ILE A 99 8.10 -6.64 -16.63
CA ILE A 99 8.38 -7.12 -15.28
C ILE A 99 9.91 -7.31 -15.11
N LYS A 100 10.50 -6.72 -14.07
CA LYS A 100 11.95 -6.84 -13.81
C LYS A 100 12.17 -7.37 -12.41
N PHE A 101 13.17 -8.22 -12.24
CA PHE A 101 13.48 -8.79 -10.94
C PHE A 101 14.82 -8.31 -10.48
N SER A 102 15.06 -8.38 -9.17
CA SER A 102 16.32 -7.91 -8.59
C SER A 102 17.47 -8.65 -9.23
N SER A 103 17.17 -9.87 -9.68
CA SER A 103 18.14 -10.76 -10.32
C SER A 103 18.66 -10.25 -11.64
N GLY A 104 18.07 -9.17 -12.15
CA GLY A 104 18.49 -8.68 -13.45
C GLY A 104 17.63 -9.25 -14.59
N ASP A 105 16.82 -10.28 -14.33
CA ASP A 105 15.97 -10.84 -15.39
C ASP A 105 14.78 -9.95 -15.70
N GLN A 106 14.23 -10.09 -16.88
CA GLN A 106 13.06 -9.29 -17.22
C GLN A 106 12.35 -9.88 -18.41
N PHE A 107 11.05 -9.59 -18.49
CA PHE A 107 10.25 -10.04 -19.60
C PHE A 107 9.13 -9.04 -19.74
N SER A 108 8.37 -9.15 -20.81
CA SER A 108 7.28 -8.22 -21.02
C SER A 108 6.00 -9.03 -21.16
N PHE A 109 4.88 -8.35 -20.90
CA PHE A 109 3.57 -8.96 -21.02
C PHE A 109 2.72 -7.90 -21.73
N PRO A 110 1.93 -8.31 -22.75
CA PRO A 110 1.07 -7.39 -23.52
C PRO A 110 -0.01 -6.67 -22.72
N VAL A 111 -0.34 -5.45 -23.11
CA VAL A 111 -1.42 -4.69 -22.46
C VAL A 111 -2.67 -4.95 -23.30
N ARG A 112 -3.60 -5.73 -22.75
CA ARG A 112 -4.82 -6.10 -23.48
C ARG A 112 -5.97 -5.13 -23.34
N LYS A 113 -5.77 -4.10 -22.53
CA LYS A 113 -6.80 -3.11 -22.33
C LYS A 113 -6.03 -1.91 -21.90
N VAL A 114 -5.98 -0.89 -22.75
CA VAL A 114 -5.27 0.34 -22.47
C VAL A 114 -6.10 1.10 -21.45
N LEU A 115 -5.57 1.29 -20.26
CA LEU A 115 -6.30 2.01 -19.23
C LEU A 115 -5.55 3.30 -18.95
N PRO A 116 -6.27 4.40 -18.66
CA PRO A 116 -5.64 5.69 -18.37
C PRO A 116 -4.78 5.57 -17.12
N SER A 117 -5.18 4.70 -16.21
CA SER A 117 -4.42 4.45 -15.00
C SER A 117 -4.91 3.13 -14.41
N ILE A 118 -4.07 2.54 -13.57
CA ILE A 118 -4.35 1.26 -12.94
C ILE A 118 -4.67 1.63 -11.51
N PRO A 119 -5.93 1.48 -11.11
CA PRO A 119 -6.33 1.83 -9.76
C PRO A 119 -6.13 0.79 -8.68
N PHE A 120 -6.06 -0.48 -9.06
CA PHE A 120 -5.96 -1.53 -8.06
C PHE A 120 -4.75 -2.45 -8.16
N LEU A 121 -4.24 -2.82 -6.99
CA LEU A 121 -3.14 -3.77 -6.87
C LEU A 121 -3.45 -4.69 -5.68
N SER A 122 -3.15 -5.97 -5.81
CA SER A 122 -3.34 -6.89 -4.71
C SER A 122 -2.24 -7.94 -4.81
N LEU A 123 -1.91 -8.51 -3.66
CA LEU A 123 -0.88 -9.55 -3.55
C LEU A 123 -1.56 -10.73 -2.94
N GLU A 124 -1.04 -11.90 -3.24
CA GLU A 124 -1.54 -13.17 -2.73
C GLU A 124 -0.32 -14.06 -2.41
N GLY A 125 -0.31 -14.64 -1.22
CA GLY A 125 0.79 -15.49 -0.81
C GLY A 125 2.11 -14.78 -0.59
N LEU A 126 2.08 -13.46 -0.56
CA LEU A 126 3.29 -12.70 -0.36
C LEU A 126 3.16 -11.87 0.89
N GLN A 127 4.16 -11.91 1.76
CA GLN A 127 4.14 -11.13 2.98
C GLN A 127 4.75 -9.78 2.65
N PHE A 128 3.86 -8.80 2.49
CA PHE A 128 4.18 -7.42 2.14
C PHE A 128 5.27 -6.73 2.97
N LYS A 129 6.24 -6.10 2.31
CA LYS A 129 7.28 -5.36 3.01
C LYS A 129 7.22 -3.88 2.61
N SER A 130 7.04 -3.58 1.32
CA SER A 130 6.97 -2.20 0.90
C SER A 130 6.51 -2.03 -0.54
N ILE A 131 5.79 -0.96 -0.78
CA ILE A 131 5.34 -0.68 -2.12
C ILE A 131 5.76 0.74 -2.42
N THR A 132 6.33 0.94 -3.60
CA THR A 132 6.73 2.27 -3.97
C THR A 132 6.55 2.48 -5.47
N THR A 133 6.09 3.67 -5.85
CA THR A 133 5.89 4.01 -7.25
C THR A 133 6.71 5.24 -7.59
N GLU A 134 7.08 5.38 -8.86
CA GLU A 134 7.81 6.52 -9.35
C GLU A 134 7.14 6.87 -10.68
N ALA B 1 -12.75 12.25 3.25
CA ALA B 1 -13.41 11.02 3.79
C ALA B 1 -12.40 9.86 3.88
N SER B 2 -11.42 9.94 3.00
CA SER B 2 -10.33 8.97 2.84
C SER B 2 -9.75 9.55 1.55
N ALA B 3 -10.38 9.22 0.42
CA ALA B 3 -9.99 9.73 -0.92
C ALA B 3 -8.49 9.91 -1.14
N GLY B 4 -7.84 8.82 -1.53
CA GLY B 4 -6.41 8.80 -1.76
C GLY B 4 -6.15 7.31 -1.71
N VAL B 5 -4.90 6.91 -1.54
CA VAL B 5 -4.58 5.48 -1.51
C VAL B 5 -5.09 4.78 -0.23
N ALA B 6 -5.66 3.60 -0.38
CA ALA B 6 -6.17 2.88 0.78
C ALA B 6 -5.57 1.49 0.72
N VAL B 7 -5.21 0.95 1.88
CA VAL B 7 -4.59 -0.37 2.00
C VAL B 7 -5.37 -1.22 2.96
N THR B 8 -5.86 -2.36 2.51
CA THR B 8 -6.57 -3.25 3.40
C THR B 8 -5.64 -4.44 3.62
N ASN B 9 -5.91 -5.17 4.70
CA ASN B 9 -5.15 -6.33 5.12
C ASN B 9 -3.73 -5.92 5.42
N LEU B 10 -3.53 -4.68 5.85
CA LEU B 10 -2.21 -4.17 6.21
C LEU B 10 -1.75 -5.00 7.38
N ASN B 11 -2.69 -5.27 8.27
CA ASN B 11 -2.45 -6.04 9.47
C ASN B 11 -1.15 -5.73 10.22
N LEU B 12 -1.06 -4.48 10.67
CA LEU B 12 0.08 -3.98 11.43
C LEU B 12 -0.07 -4.49 12.84
N LYS B 13 0.94 -5.21 13.34
CA LYS B 13 0.89 -5.78 14.68
C LYS B 13 1.65 -4.98 15.72
N PRO B 14 1.30 -5.13 17.01
CA PRO B 14 1.99 -4.38 18.04
C PRO B 14 3.47 -4.68 18.02
N GLY B 15 4.24 -3.60 18.12
CA GLY B 15 5.67 -3.71 18.08
C GLY B 15 6.18 -3.33 16.71
N HIS B 16 5.28 -3.17 15.74
CA HIS B 16 5.71 -2.83 14.38
C HIS B 16 5.26 -1.47 13.98
N CYS B 17 5.73 -0.99 12.83
CA CYS B 17 5.33 0.33 12.41
C CYS B 17 5.31 0.49 10.91
N VAL B 18 4.58 1.49 10.44
CA VAL B 18 4.47 1.75 9.00
C VAL B 18 5.13 3.08 8.74
N GLU B 19 5.81 3.20 7.61
CA GLU B 19 6.43 4.45 7.20
C GLU B 19 5.75 4.89 5.91
N ILE B 20 5.28 6.12 5.88
CA ILE B 20 4.56 6.67 4.75
C ILE B 20 5.41 7.77 4.18
N LYS B 21 5.54 7.79 2.85
CA LYS B 21 6.31 8.81 2.19
C LYS B 21 5.47 9.41 1.07
N GLY B 22 5.46 10.72 0.96
CA GLY B 22 4.65 11.33 -0.08
C GLY B 22 4.97 12.79 -0.29
N SER B 23 4.15 13.45 -1.07
CA SER B 23 4.32 14.86 -1.38
C SER B 23 3.05 15.63 -1.04
N ILE B 24 3.25 16.72 -0.32
CA ILE B 24 2.17 17.59 0.11
C ILE B 24 1.94 18.53 -1.04
N PRO B 25 0.75 18.51 -1.62
CA PRO B 25 0.51 19.43 -2.74
C PRO B 25 0.81 20.91 -2.36
N PRO B 26 1.28 21.72 -3.32
CA PRO B 26 1.60 23.13 -3.03
C PRO B 26 0.39 23.99 -2.57
N ASP B 27 -0.81 23.50 -2.76
CA ASP B 27 -2.00 24.23 -2.37
C ASP B 27 -2.84 23.34 -1.46
N CYS B 28 -2.17 22.70 -0.51
CA CYS B 28 -2.81 21.76 0.41
C CYS B 28 -3.41 22.42 1.67
N LYS B 29 -4.74 22.30 1.83
CA LYS B 29 -5.40 22.87 3.00
C LYS B 29 -5.08 22.02 4.21
N GLY B 30 -4.86 20.72 3.96
CA GLY B 30 -4.50 19.79 5.01
C GLY B 30 -4.47 18.37 4.48
N PHE B 31 -3.94 17.43 5.25
CA PHE B 31 -3.95 16.06 4.81
C PHE B 31 -4.12 15.17 6.03
N ALA B 32 -4.46 13.90 5.78
CA ALA B 32 -4.65 12.97 6.87
C ALA B 32 -4.12 11.57 6.59
N VAL B 33 -3.77 10.84 7.65
CA VAL B 33 -3.34 9.45 7.57
C VAL B 33 -4.25 8.73 8.56
N ASN B 34 -4.98 7.71 8.08
CA ASN B 34 -5.88 6.93 8.94
C ASN B 34 -5.46 5.46 9.09
N LEU B 35 -5.50 5.01 10.34
CA LEU B 35 -5.22 3.63 10.72
C LEU B 35 -6.44 3.15 11.53
N GLY B 36 -7.00 2.03 11.13
CA GLY B 36 -8.15 1.50 11.84
C GLY B 36 -8.56 0.15 11.28
N GLU B 37 -9.84 -0.17 11.41
CA GLU B 37 -10.34 -1.43 10.93
C GLU B 37 -11.00 -1.27 9.56
N ASP B 38 -11.57 -0.10 9.32
CA ASP B 38 -12.24 0.19 8.06
C ASP B 38 -12.44 1.69 7.92
N ALA B 39 -13.25 2.10 6.95
CA ALA B 39 -13.47 3.52 6.72
C ALA B 39 -14.32 4.26 7.75
N SER B 40 -15.01 3.55 8.60
CA SER B 40 -15.82 4.20 9.60
C SER B 40 -15.29 3.99 11.01
N ASN B 41 -14.19 3.26 11.14
CA ASN B 41 -13.62 2.98 12.42
C ASN B 41 -12.13 3.18 12.38
N PHE B 42 -11.67 4.27 12.97
CA PHE B 42 -10.26 4.62 12.99
C PHE B 42 -9.70 4.61 14.38
N LEU B 43 -8.56 3.95 14.53
CA LEU B 43 -7.80 3.88 15.78
C LEU B 43 -7.05 5.22 15.90
N LEU B 44 -6.66 5.76 14.75
CA LEU B 44 -5.96 7.05 14.68
C LEU B 44 -6.22 7.77 13.37
N HIS B 45 -6.65 9.02 13.49
CA HIS B 45 -6.85 9.90 12.36
C HIS B 45 -5.86 11.03 12.64
N PHE B 46 -4.84 11.12 11.81
CA PHE B 46 -3.81 12.13 11.96
C PHE B 46 -4.07 13.16 10.87
N ASN B 47 -4.53 14.34 11.28
CA ASN B 47 -4.87 15.41 10.34
C ASN B 47 -3.96 16.62 10.52
N ALA B 48 -3.14 16.89 9.52
CA ALA B 48 -2.26 18.06 9.57
C ALA B 48 -3.05 19.15 8.84
N ARG B 49 -3.38 20.21 9.58
CA ARG B 49 -4.17 21.30 9.06
C ARG B 49 -3.37 22.57 8.78
N PHE B 50 -3.24 22.89 7.49
CA PHE B 50 -2.51 24.09 7.08
C PHE B 50 -3.46 25.28 7.22
N ASP B 51 -4.68 25.10 6.75
CA ASP B 51 -5.72 26.10 6.79
C ASP B 51 -7.01 25.31 6.63
N LEU B 52 -7.51 24.76 7.73
CA LEU B 52 -8.68 23.90 7.62
C LEU B 52 -9.52 23.92 8.89
N HIS B 53 -10.84 24.04 8.71
CA HIS B 53 -11.82 24.08 9.80
C HIS B 53 -11.52 25.17 10.80
N GLY B 54 -10.92 26.26 10.35
CA GLY B 54 -10.61 27.35 11.27
C GLY B 54 -9.28 27.20 11.95
N ASP B 55 -8.65 26.05 11.78
CA ASP B 55 -7.34 25.77 12.36
C ASP B 55 -6.30 26.19 11.34
N VAL B 56 -5.17 26.70 11.80
CA VAL B 56 -4.12 27.11 10.90
C VAL B 56 -2.85 26.52 11.44
N ASN B 57 -2.23 25.66 10.64
CA ASN B 57 -0.99 25.00 11.02
C ASN B 57 -1.13 24.26 12.34
N LYS B 58 -2.15 23.40 12.41
CA LYS B 58 -2.44 22.58 13.61
C LYS B 58 -2.44 21.12 13.24
N ILE B 59 -2.08 20.29 14.19
CA ILE B 59 -2.15 18.84 14.01
C ILE B 59 -3.26 18.41 14.96
N VAL B 60 -4.26 17.69 14.44
CA VAL B 60 -5.37 17.23 15.24
C VAL B 60 -5.45 15.73 15.04
N CYS B 61 -5.42 14.99 16.14
CA CYS B 61 -5.53 13.54 16.13
C CYS B 61 -6.85 13.17 16.83
N ASN B 62 -7.43 12.03 16.49
CA ASN B 62 -8.66 11.57 17.11
C ASN B 62 -8.89 10.16 16.63
N SER B 63 -9.89 9.49 17.20
CA SER B 63 -10.30 8.13 16.83
C SER B 63 -11.73 8.27 16.31
N LYS B 64 -12.30 7.22 15.76
CA LYS B 64 -13.66 7.29 15.22
C LYS B 64 -14.22 5.90 15.36
N GLU B 65 -15.43 5.79 15.87
CA GLU B 65 -16.07 4.49 16.02
C GLU B 65 -17.45 4.61 15.42
N ALA B 66 -17.72 3.80 14.42
CA ALA B 66 -18.99 3.82 13.73
C ALA B 66 -19.29 5.21 13.20
N ASP B 67 -18.28 5.88 12.66
CA ASP B 67 -18.46 7.24 12.12
C ASP B 67 -18.59 8.39 13.11
N ALA B 68 -18.59 8.09 14.40
CA ALA B 68 -18.67 9.14 15.42
C ALA B 68 -17.22 9.44 15.85
N TRP B 69 -16.79 10.70 15.82
CA TRP B 69 -15.44 11.08 16.24
C TRP B 69 -15.34 11.13 17.75
N GLY B 70 -14.18 10.78 18.31
CA GLY B 70 -14.01 10.80 19.77
C GLY B 70 -13.44 12.13 20.20
N SER B 71 -12.67 12.16 21.27
CA SER B 71 -12.05 13.42 21.75
C SER B 71 -10.72 13.71 21.04
N GLU B 72 -10.58 14.94 20.54
CA GLU B 72 -9.41 15.39 19.81
C GLU B 72 -8.20 15.66 20.67
N GLN B 73 -7.03 15.39 20.12
CA GLN B 73 -5.80 15.67 20.83
C GLN B 73 -5.12 16.59 19.86
N ARG B 74 -4.77 17.77 20.32
CA ARG B 74 -4.13 18.76 19.48
C ARG B 74 -2.66 18.94 19.84
N GLU B 75 -1.82 19.09 18.82
CA GLU B 75 -0.39 19.23 19.04
C GLU B 75 0.13 20.60 18.67
N GLY B 76 1.20 21.01 19.37
CA GLY B 76 1.83 22.30 19.12
C GLY B 76 2.84 22.34 17.97
N VAL B 77 3.45 21.20 17.65
CA VAL B 77 4.42 21.17 16.58
C VAL B 77 3.80 20.96 15.22
N PHE B 78 4.27 21.68 14.21
CA PHE B 78 3.75 21.52 12.86
C PHE B 78 4.99 21.52 11.95
N PRO B 79 5.60 20.35 11.79
CA PRO B 79 6.79 20.26 10.95
C PRO B 79 6.55 20.06 9.47
N PHE B 80 5.50 20.66 8.91
CA PHE B 80 5.19 20.45 7.50
C PHE B 80 5.16 21.75 6.72
N GLN B 81 5.42 21.66 5.42
CA GLN B 81 5.38 22.82 4.55
C GLN B 81 4.79 22.36 3.23
N GLN B 82 3.80 23.10 2.72
CA GLN B 82 3.13 22.76 1.46
C GLN B 82 4.11 22.62 0.29
N GLY B 83 3.77 21.74 -0.63
CA GLY B 83 4.63 21.52 -1.77
C GLY B 83 5.81 20.63 -1.44
N ALA B 84 6.06 20.37 -0.17
CA ALA B 84 7.19 19.53 0.20
C ALA B 84 6.80 18.04 0.30
N GLU B 85 7.79 17.19 0.57
CA GLU B 85 7.57 15.76 0.71
C GLU B 85 7.51 15.43 2.21
N VAL B 86 6.64 14.52 2.60
CA VAL B 86 6.54 14.14 4.01
C VAL B 86 7.06 12.72 4.18
N MET B 87 7.55 12.44 5.37
CA MET B 87 8.05 11.13 5.74
C MET B 87 7.63 11.05 7.20
N VAL B 88 6.61 10.23 7.47
CA VAL B 88 6.10 10.04 8.82
C VAL B 88 5.90 8.58 9.17
N CYS B 89 6.36 8.19 10.36
CA CYS B 89 6.25 6.80 10.78
C CYS B 89 5.30 6.63 11.94
N PHE B 90 4.57 5.53 11.91
CA PHE B 90 3.61 5.17 12.94
C PHE B 90 3.93 3.84 13.65
N GLU B 91 4.40 3.94 14.90
CA GLU B 91 4.69 2.74 15.66
C GLU B 91 3.50 2.39 16.52
N TYR B 92 3.05 1.16 16.37
CA TYR B 92 1.91 0.68 17.10
C TYR B 92 2.28 -0.14 18.33
N GLN B 93 1.90 0.40 19.48
CA GLN B 93 2.09 -0.26 20.76
C GLN B 93 0.66 -0.44 21.25
N THR B 94 0.44 -1.43 22.13
CA THR B 94 -0.90 -1.72 22.64
C THR B 94 -1.51 -0.62 23.49
N ASP B 95 -0.68 0.19 24.13
CA ASP B 95 -1.18 1.29 24.96
C ASP B 95 -1.20 2.62 24.21
N LYS B 96 -0.43 2.70 23.12
CA LYS B 96 -0.35 3.94 22.36
C LYS B 96 0.28 3.77 20.98
N ILE B 97 0.13 4.81 20.16
CA ILE B 97 0.71 4.87 18.82
C ILE B 97 1.69 6.02 18.90
N ILE B 98 2.95 5.77 18.55
CA ILE B 98 3.95 6.84 18.56
C ILE B 98 4.03 7.34 17.14
N ILE B 99 3.94 8.64 16.98
CA ILE B 99 4.02 9.27 15.68
C ILE B 99 5.38 9.98 15.60
N LYS B 100 6.23 9.53 14.66
CA LYS B 100 7.57 10.09 14.45
C LYS B 100 7.70 10.83 13.12
N PHE B 101 8.44 11.92 13.17
CA PHE B 101 8.70 12.78 12.04
C PHE B 101 10.17 12.66 11.65
N SER B 102 10.48 12.85 10.37
CA SER B 102 11.86 12.79 9.89
C SER B 102 12.68 13.84 10.62
N SER B 103 11.98 14.93 10.98
CA SER B 103 12.55 16.05 11.70
C SER B 103 12.86 15.70 13.13
N GLY B 104 12.77 14.43 13.49
CA GLY B 104 13.06 14.05 14.86
C GLY B 104 11.92 14.31 15.82
N ASP B 105 10.97 15.16 15.41
CA ASP B 105 9.80 15.44 16.24
C ASP B 105 9.05 14.10 16.46
N GLN B 106 8.43 13.94 17.62
CA GLN B 106 7.75 12.70 17.96
C GLN B 106 6.71 12.97 19.04
N PHE B 107 5.59 12.27 19.01
CA PHE B 107 4.57 12.39 20.05
C PHE B 107 3.68 11.18 20.00
N SER B 108 2.91 10.93 21.03
CA SER B 108 2.04 9.74 21.01
C SER B 108 0.58 10.09 21.19
N PHE B 109 -0.27 9.14 20.85
CA PHE B 109 -1.73 9.30 20.95
C PHE B 109 -2.17 7.98 21.52
N PRO B 110 -3.09 7.98 22.50
CA PRO B 110 -3.59 6.77 23.16
C PRO B 110 -4.40 5.77 22.32
N VAL B 111 -4.19 4.48 22.53
CA VAL B 111 -4.94 3.47 21.80
C VAL B 111 -6.25 3.31 22.57
N ARG B 112 -7.37 3.68 21.96
CA ARG B 112 -8.64 3.59 22.68
C ARG B 112 -9.40 2.30 22.49
N LYS B 113 -8.90 1.46 21.60
CA LYS B 113 -9.51 0.16 21.31
C LYS B 113 -8.34 -0.70 20.89
N VAL B 114 -8.01 -1.67 21.72
CA VAL B 114 -6.89 -2.52 21.41
C VAL B 114 -7.28 -3.62 20.42
N LEU B 115 -6.70 -3.54 19.22
CA LEU B 115 -6.93 -4.52 18.18
C LEU B 115 -5.68 -5.39 18.08
N PRO B 116 -5.86 -6.70 17.79
CA PRO B 116 -4.66 -7.54 17.69
C PRO B 116 -3.76 -7.05 16.52
N SER B 117 -4.37 -6.47 15.47
CA SER B 117 -3.57 -5.91 14.39
C SER B 117 -4.43 -4.88 13.67
N ILE B 118 -3.80 -3.87 13.09
CA ILE B 118 -4.55 -2.83 12.37
C ILE B 118 -4.64 -3.28 10.91
N PRO B 119 -5.85 -3.54 10.39
CA PRO B 119 -5.91 -3.99 9.00
C PRO B 119 -6.07 -2.94 7.90
N PHE B 120 -6.36 -1.71 8.26
CA PHE B 120 -6.63 -0.68 7.28
C PHE B 120 -5.81 0.59 7.44
N LEU B 121 -5.39 1.16 6.31
CA LEU B 121 -4.64 2.42 6.25
C LEU B 121 -5.21 3.24 5.10
N SER B 122 -5.35 4.55 5.28
CA SER B 122 -5.84 5.38 4.17
C SER B 122 -5.20 6.77 4.21
N LEU B 123 -4.92 7.33 3.04
CA LEU B 123 -4.32 8.67 2.95
C LEU B 123 -5.32 9.66 2.39
N GLU B 124 -5.15 10.92 2.75
CA GLU B 124 -6.03 11.95 2.25
C GLU B 124 -5.19 13.18 1.97
N GLY B 125 -5.37 13.74 0.78
CA GLY B 125 -4.66 14.95 0.37
C GLY B 125 -3.15 14.88 0.27
N LEU B 126 -2.61 13.67 0.24
CA LEU B 126 -1.17 13.47 0.16
C LEU B 126 -0.86 12.61 -1.05
N GLN B 127 0.14 12.99 -1.84
CA GLN B 127 0.54 12.23 -3.04
C GLN B 127 1.55 11.19 -2.62
N PHE B 128 1.12 9.94 -2.66
CA PHE B 128 1.88 8.75 -2.25
C PHE B 128 3.14 8.34 -3.05
N LYS B 129 4.19 7.97 -2.32
CA LYS B 129 5.46 7.52 -2.88
C LYS B 129 5.70 6.06 -2.48
N SER B 130 5.76 5.80 -1.18
CA SER B 130 6.00 4.47 -0.66
C SER B 130 5.39 4.23 0.71
N ILE B 131 5.08 2.96 0.96
CA ILE B 131 4.56 2.49 2.23
C ILE B 131 5.46 1.29 2.59
N THR B 132 6.10 1.37 3.75
CA THR B 132 7.00 0.33 4.21
C THR B 132 6.65 -0.14 5.62
N THR B 133 6.76 -1.43 5.91
CA THR B 133 6.45 -1.93 7.23
C THR B 133 7.66 -2.63 7.75
N GLU B 134 7.78 -2.64 9.06
CA GLU B 134 8.86 -3.33 9.74
C GLU B 134 8.26 -3.97 10.98
#